data_4GOK
#
_entry.id   4GOK
#
_cell.length_a   101.450
_cell.length_b   61.080
_cell.length_c   143.620
_cell.angle_alpha   90.00
_cell.angle_beta   101.33
_cell.angle_gamma   90.00
#
_symmetry.space_group_name_H-M   'C 1 2 1'
#
loop_
_entity.id
_entity.type
_entity.pdbx_description
1 polymer 'ADP-ribosylation factor-like protein 2'
2 polymer 'Protein unc-119 homolog A'
3 non-polymer 'PHOSPHOAMINOPHOSPHONIC ACID-GUANYLATE ESTER'
4 non-polymer 'MAGNESIUM ION'
5 water water
#
loop_
_entity_poly.entity_id
_entity_poly.type
_entity_poly.pdbx_seq_one_letter_code
_entity_poly.pdbx_strand_id
1 'polypeptide(L)'
;MLRLLMLGLDNAGKTTILKKFNGEDVDTISPTLGFNIKTLEHRGFKLNIWDVGGLKSLRSYWRNYFESTDGLIWVVDSAD
RQRMQDCQRELQSLLVEERLAGATLLIFANKQDLPGALSCNAIQEALELDSIRSHHWRIQGCSAVTGEDLLPGIDWLLDD
ISSRVFTAD
;
B,A
2 'polypeptide(L)'
;MKVKKGGGGAGTATESAPGPSGQSVAPIPQPPAESESGSESEPDAGPGPRPGPLQRKQPIGPEDVLGLQRITGDYLCSPE
ENIYKIDFVRFKIRDMDSGTVLFEIKKPPVSERLPINRRDLDPNAGRFVRYQFTPAFLRLRQVGATVEFTVGDKPVNNFR
MIERHYFRNQLLKSFDFHFGFCIPSSKNTCEHIYDFPPLSEELISEMIRHPYETQSDSFYFVDDRLVMHNKADYSYSGTP
;
G,C
#
# COMPACT_ATOMS: atom_id res chain seq x y z
N LEU A 2 -6.87 40.61 12.29
CA LEU A 2 -6.43 39.52 13.26
C LEU A 2 -7.30 38.24 13.39
N ARG A 3 -6.63 37.10 13.35
CA ARG A 3 -7.31 35.80 13.38
C ARG A 3 -6.91 35.05 14.63
N LEU A 4 -7.90 34.72 15.46
CA LEU A 4 -7.65 33.92 16.66
C LEU A 4 -8.27 32.55 16.55
N LEU A 5 -7.54 31.51 16.95
CA LEU A 5 -8.05 30.14 16.95
C LEU A 5 -8.15 29.52 18.38
N MET A 6 -9.36 29.12 18.76
CA MET A 6 -9.65 28.68 20.10
C MET A 6 -9.86 27.18 20.15
N LEU A 7 -8.90 26.50 20.74
CA LEU A 7 -8.97 25.06 20.79
C LEU A 7 -8.81 24.59 22.24
N GLY A 8 -9.12 23.31 22.45
CA GLY A 8 -8.86 22.62 23.69
C GLY A 8 -9.76 21.41 23.60
N LEU A 9 -9.62 20.48 24.54
CA LEU A 9 -10.50 19.29 24.66
C LEU A 9 -11.99 19.60 24.81
N ASP A 10 -12.86 18.69 24.40
CA ASP A 10 -14.29 18.86 24.59
C ASP A 10 -14.54 19.14 26.06
N ASN A 11 -15.54 20.01 26.32
CA ASN A 11 -16.00 20.28 27.69
C ASN A 11 -15.09 21.28 28.46
N ALA A 12 -14.09 21.87 27.79
CA ALA A 12 -13.12 22.73 28.49
C ALA A 12 -13.73 24.08 28.74
N GLY A 13 -14.68 24.47 27.92
CA GLY A 13 -15.39 25.74 28.12
C GLY A 13 -15.05 26.75 27.06
N LYS A 14 -14.58 26.27 25.88
CA LYS A 14 -14.19 27.14 24.79
C LYS A 14 -15.38 28.00 24.35
N THR A 15 -16.50 27.34 24.03
CA THR A 15 -17.70 28.05 23.58
C THR A 15 -18.22 28.98 24.63
N THR A 16 -18.26 28.54 25.88
CA THR A 16 -18.60 29.42 26.98
C THR A 16 -17.76 30.69 26.93
N ILE A 17 -16.47 30.55 26.80
CA ILE A 17 -15.58 31.71 26.64
C ILE A 17 -16.00 32.60 25.46
N LEU A 18 -16.15 32.02 24.27
CA LEU A 18 -16.48 32.79 23.08
C LEU A 18 -17.70 33.67 23.32
N LYS A 19 -18.65 33.15 24.09
CA LYS A 19 -19.91 33.82 24.29
C LYS A 19 -19.91 34.88 25.37
N LYS A 20 -19.05 34.72 26.37
CA LYS A 20 -19.09 35.61 27.52
C LYS A 20 -18.19 36.85 27.42
N PHE A 21 -17.04 36.72 26.79
CA PHE A 21 -16.13 37.85 26.73
C PHE A 21 -16.80 39.00 25.97
N THR A 28 -28.00 27.53 28.18
CA THR A 28 -28.39 27.69 26.76
C THR A 28 -27.32 27.20 25.75
N ILE A 29 -26.44 26.33 26.22
CA ILE A 29 -25.16 26.02 25.57
C ILE A 29 -24.97 24.52 25.28
N SER A 30 -24.31 24.20 24.17
CA SER A 30 -24.32 22.82 23.67
C SER A 30 -22.94 22.36 23.11
N PRO A 31 -22.65 21.04 23.06
CA PRO A 31 -21.38 20.63 22.41
C PRO A 31 -21.27 21.01 20.93
N THR A 32 -20.12 21.56 20.57
CA THR A 32 -19.90 22.12 19.25
C THR A 32 -19.40 21.00 18.34
N LEU A 33 -20.22 20.66 17.36
CA LEU A 33 -19.93 19.65 16.39
C LEU A 33 -19.68 20.43 15.12
N GLY A 34 -18.50 21.06 15.06
CA GLY A 34 -18.15 21.97 14.01
C GLY A 34 -17.62 23.20 14.70
N PHE A 35 -17.87 24.39 14.14
CA PHE A 35 -17.36 25.62 14.69
C PHE A 35 -18.38 26.72 15.01
N ASN A 36 -17.89 27.64 15.83
CA ASN A 36 -18.49 28.89 16.17
C ASN A 36 -17.49 29.99 15.80
N ILE A 37 -17.83 30.84 14.82
CA ILE A 37 -17.08 32.08 14.57
C ILE A 37 -17.73 33.29 15.23
N LYS A 38 -16.94 34.08 15.92
CA LYS A 38 -17.38 35.38 16.38
C LYS A 38 -16.42 36.43 15.77
N THR A 39 -16.99 37.50 15.23
CA THR A 39 -16.24 38.54 14.53
C THR A 39 -16.52 39.88 15.18
N LEU A 40 -15.50 40.66 15.48
CA LEU A 40 -15.71 41.76 16.41
C LEU A 40 -14.63 42.84 16.32
N GLU A 41 -14.99 44.09 16.63
CA GLU A 41 -14.02 45.17 16.92
C GLU A 41 -13.70 45.25 18.43
N HIS A 42 -12.41 45.23 18.78
CA HIS A 42 -11.94 45.40 20.18
C HIS A 42 -10.48 45.93 20.17
N ARG A 43 -10.11 46.79 21.14
CA ARG A 43 -8.82 47.52 21.13
C ARG A 43 -8.42 48.07 19.77
N GLY A 44 -9.40 48.49 18.96
CA GLY A 44 -9.09 49.04 17.64
C GLY A 44 -8.54 48.00 16.67
N PHE A 45 -9.02 46.76 16.80
CA PHE A 45 -8.71 45.67 15.88
C PHE A 45 -9.99 44.99 15.42
N LYS A 46 -9.98 44.47 14.19
CA LYS A 46 -11.02 43.56 13.72
C LYS A 46 -10.56 42.15 14.09
N LEU A 47 -11.25 41.53 15.05
CA LEU A 47 -10.89 40.20 15.52
C LEU A 47 -11.80 39.20 14.89
N ASN A 48 -11.23 38.22 14.20
CA ASN A 48 -12.02 37.07 13.73
C ASN A 48 -11.64 35.82 14.53
N ILE A 49 -12.61 35.29 15.28
CA ILE A 49 -12.38 34.16 16.22
C ILE A 49 -13.16 32.90 15.88
N TRP A 50 -12.44 31.82 15.77
CA TRP A 50 -12.98 30.49 15.49
C TRP A 50 -12.90 29.62 16.75
N ASP A 51 -14.06 29.20 17.26
CA ASP A 51 -14.17 28.22 18.34
C ASP A 51 -14.47 26.88 17.68
N VAL A 52 -13.45 26.03 17.51
CA VAL A 52 -13.67 24.68 16.94
C VAL A 52 -13.90 23.61 18.03
N GLY A 53 -14.77 22.64 17.74
CA GLY A 53 -15.23 21.64 18.71
C GLY A 53 -14.04 20.81 19.09
N GLY A 54 -14.07 20.23 20.31
CA GLY A 54 -12.97 19.41 20.84
C GLY A 54 -13.18 17.92 21.10
N LEU A 55 -14.35 17.36 20.85
CA LEU A 55 -14.50 15.91 20.99
C LEU A 55 -13.50 15.16 20.07
N LYS A 56 -13.11 13.93 20.48
CA LYS A 56 -11.96 13.21 19.89
C LYS A 56 -11.87 13.23 18.36
N SER A 57 -13.02 13.14 17.70
CA SER A 57 -13.07 12.92 16.25
C SER A 57 -13.15 14.20 15.43
N LEU A 58 -13.09 15.34 16.10
CA LEU A 58 -13.09 16.61 15.42
C LEU A 58 -11.65 17.03 15.35
N ARG A 59 -10.85 16.48 16.24
CA ARG A 59 -9.47 16.95 16.38
C ARG A 59 -8.59 16.81 15.14
N SER A 60 -8.85 15.82 14.32
CA SER A 60 -8.03 15.66 13.11
C SER A 60 -8.39 16.75 12.08
N TYR A 61 -9.54 17.42 12.29
CA TYR A 61 -9.94 18.52 11.43
C TYR A 61 -9.44 19.88 11.94
N TRP A 62 -8.90 19.92 13.15
CA TRP A 62 -8.34 21.19 13.65
C TRP A 62 -7.39 21.83 12.63
N ARG A 63 -6.41 21.07 12.11
CA ARG A 63 -5.43 21.60 11.15
C ARG A 63 -6.00 22.41 10.00
N ASN A 64 -7.31 22.24 9.74
CA ASN A 64 -8.04 22.99 8.72
C ASN A 64 -8.29 24.48 9.07
N TYR A 65 -7.81 24.92 10.21
CA TYR A 65 -8.00 26.30 10.64
C TYR A 65 -6.66 26.91 11.07
N PHE A 66 -5.58 26.16 10.87
CA PHE A 66 -4.25 26.63 11.24
C PHE A 66 -3.78 27.83 10.43
N GLU A 67 -3.85 27.75 9.10
CA GLU A 67 -3.34 28.76 8.19
C GLU A 67 -3.81 30.15 8.64
N SER A 68 -2.85 31.08 8.74
CA SER A 68 -3.08 32.54 9.00
C SER A 68 -3.39 32.91 10.46
N THR A 69 -3.24 31.95 11.37
CA THR A 69 -3.60 32.20 12.73
C THR A 69 -2.57 33.17 13.36
N ASP A 70 -3.07 34.19 14.02
CA ASP A 70 -2.19 35.10 14.72
C ASP A 70 -2.07 34.72 16.22
N GLY A 71 -3.13 34.11 16.75
CA GLY A 71 -3.28 33.98 18.19
C GLY A 71 -4.08 32.75 18.53
N LEU A 72 -3.51 31.93 19.39
CA LEU A 72 -4.01 30.61 19.63
C LEU A 72 -4.38 30.57 21.07
N ILE A 73 -5.68 30.48 21.33
CA ILE A 73 -6.15 30.35 22.70
C ILE A 73 -6.41 28.89 23.04
N TRP A 74 -5.66 28.39 24.00
CA TRP A 74 -5.80 26.99 24.42
C TRP A 74 -6.59 26.95 25.71
N VAL A 75 -7.70 26.24 25.74
CA VAL A 75 -8.60 26.29 26.92
C VAL A 75 -8.67 24.98 27.70
N VAL A 76 -8.42 25.04 29.02
CA VAL A 76 -8.26 23.87 29.86
C VAL A 76 -9.28 23.86 30.96
N ASP A 77 -10.01 22.76 31.05
CA ASP A 77 -10.81 22.50 32.25
C ASP A 77 -9.82 22.18 33.36
N SER A 78 -9.53 23.14 34.25
CA SER A 78 -8.53 22.91 35.31
C SER A 78 -8.92 21.85 36.38
N ALA A 79 -10.15 21.34 36.36
CA ALA A 79 -10.53 20.26 37.29
C ALA A 79 -10.43 18.87 36.65
N ASP A 80 -10.24 18.83 35.32
CA ASP A 80 -10.26 17.61 34.56
C ASP A 80 -8.86 17.02 34.65
N ARG A 81 -8.50 16.55 35.85
CA ARG A 81 -7.14 16.16 36.14
C ARG A 81 -6.79 14.78 35.53
N GLN A 82 -7.79 13.94 35.34
CA GLN A 82 -7.60 12.67 34.65
C GLN A 82 -7.24 12.83 33.17
N ARG A 83 -7.51 13.99 32.59
CA ARG A 83 -7.23 14.24 31.18
C ARG A 83 -6.17 15.31 30.90
N MET A 84 -5.53 15.84 31.94
CA MET A 84 -4.43 16.78 31.74
C MET A 84 -3.38 16.29 30.78
N GLN A 85 -3.03 15.00 30.84
CA GLN A 85 -1.95 14.53 29.98
C GLN A 85 -2.35 14.46 28.53
N ASP A 86 -3.60 14.14 28.27
CA ASP A 86 -4.14 14.20 26.91
C ASP A 86 -4.12 15.66 26.47
N CYS A 87 -4.44 16.56 27.39
CA CYS A 87 -4.47 17.99 27.14
C CYS A 87 -3.04 18.48 26.85
N GLN A 88 -2.11 18.11 27.71
CA GLN A 88 -0.69 18.36 27.42
C GLN A 88 -0.33 17.82 26.05
N ARG A 89 -0.75 16.60 25.78
CA ARG A 89 -0.33 15.96 24.57
C ARG A 89 -0.83 16.73 23.36
N GLU A 90 -2.15 16.99 23.32
CA GLU A 90 -2.78 17.80 22.27
C GLU A 90 -2.14 19.19 22.05
N LEU A 91 -1.76 19.85 23.13
CA LEU A 91 -1.14 21.15 23.02
C LEU A 91 0.23 21.13 22.39
N GLN A 92 1.10 20.23 22.85
CA GLN A 92 2.46 20.15 22.31
C GLN A 92 2.47 19.87 20.82
N SER A 93 1.58 18.99 20.33
CA SER A 93 1.43 18.80 18.88
C SER A 93 1.23 20.11 18.11
N LEU A 94 0.21 20.86 18.54
CA LEU A 94 -0.07 22.13 17.92
C LEU A 94 1.19 22.97 17.78
N LEU A 95 1.99 23.02 18.83
CA LEU A 95 3.12 23.91 18.87
C LEU A 95 4.21 23.55 17.89
N VAL A 96 4.22 22.31 17.42
CA VAL A 96 5.23 21.92 16.39
C VAL A 96 4.71 22.01 14.98
N GLU A 97 3.46 22.45 14.83
CA GLU A 97 2.85 22.57 13.54
C GLU A 97 3.27 23.86 12.82
N GLU A 98 3.88 23.70 11.65
CA GLU A 98 4.47 24.82 10.91
C GLU A 98 3.53 25.98 10.64
N ARG A 99 2.26 25.68 10.45
CA ARG A 99 1.26 26.72 10.16
C ARG A 99 0.94 27.60 11.39
N LEU A 100 1.40 27.18 12.58
CA LEU A 100 1.18 27.95 13.80
C LEU A 100 2.47 28.61 14.25
N ALA A 101 3.49 28.55 13.41
CA ALA A 101 4.80 29.08 13.72
C ALA A 101 4.71 30.49 14.25
N GLY A 102 3.90 31.32 13.63
CA GLY A 102 3.73 32.68 14.14
C GLY A 102 3.16 32.76 15.56
N ALA A 103 2.04 32.06 15.79
CA ALA A 103 1.03 32.43 16.77
C ALA A 103 1.47 32.73 18.21
N THR A 104 0.89 33.76 18.81
CA THR A 104 0.94 33.91 20.26
C THR A 104 -0.03 32.91 20.88
N LEU A 105 0.39 32.32 22.01
CA LEU A 105 -0.34 31.33 22.79
C LEU A 105 -0.88 31.90 24.09
N LEU A 106 -2.19 31.88 24.27
CA LEU A 106 -2.82 32.21 25.52
C LEU A 106 -3.52 30.96 26.04
N ILE A 107 -3.12 30.53 27.24
CA ILE A 107 -3.80 29.45 27.97
C ILE A 107 -4.80 30.03 28.99
N PHE A 108 -6.05 29.64 28.83
CA PHE A 108 -7.02 29.97 29.85
C PHE A 108 -7.10 28.73 30.71
N ALA A 109 -6.84 28.86 32.01
CA ALA A 109 -6.98 27.72 32.90
C ALA A 109 -8.35 27.89 33.53
N ASN A 110 -9.36 27.33 32.85
CA ASN A 110 -10.77 27.60 33.09
C ASN A 110 -11.35 26.76 34.25
N LYS A 111 -12.54 27.16 34.71
CA LYS A 111 -13.25 26.53 35.80
C LYS A 111 -12.43 26.61 37.11
N GLN A 112 -11.77 27.75 37.31
CA GLN A 112 -11.07 28.01 38.58
C GLN A 112 -12.05 28.05 39.76
N ASP A 113 -13.33 28.25 39.49
CA ASP A 113 -14.36 28.22 40.56
C ASP A 113 -14.60 26.84 41.10
N LEU A 114 -14.35 25.80 40.31
CA LEU A 114 -14.64 24.43 40.78
C LEU A 114 -13.72 23.98 41.92
N PRO A 115 -14.31 23.46 43.03
CA PRO A 115 -13.49 23.19 44.21
C PRO A 115 -12.08 22.67 43.89
N GLY A 116 -11.96 21.56 43.15
CA GLY A 116 -10.62 21.00 42.86
C GLY A 116 -9.90 21.53 41.61
N ALA A 117 -10.16 22.77 41.25
CA ALA A 117 -9.52 23.37 40.10
C ALA A 117 -8.04 23.42 40.36
N LEU A 118 -7.24 22.80 39.50
CA LEU A 118 -5.78 22.94 39.58
C LEU A 118 -5.34 24.39 39.50
N SER A 119 -4.34 24.75 40.29
CA SER A 119 -3.75 26.10 40.17
C SER A 119 -3.10 26.31 38.80
N CYS A 120 -2.90 27.57 38.44
CA CYS A 120 -2.15 27.95 37.27
C CYS A 120 -0.78 27.29 37.22
N ASN A 121 -0.10 27.28 38.36
CA ASN A 121 1.26 26.75 38.44
C ASN A 121 1.26 25.26 38.19
N ALA A 122 0.30 24.56 38.82
CA ALA A 122 0.10 23.15 38.61
C ALA A 122 -0.15 22.90 37.12
N ILE A 123 -0.94 23.77 36.50
CA ILE A 123 -1.25 23.59 35.08
C ILE A 123 -0.01 23.88 34.22
N GLN A 124 0.73 24.90 34.62
CA GLN A 124 1.95 25.23 33.93
C GLN A 124 2.96 24.06 33.91
N GLU A 125 3.00 23.29 35.00
CA GLU A 125 3.93 22.17 35.15
C GLU A 125 3.38 20.99 34.33
N ALA A 126 2.08 20.74 34.48
CA ALA A 126 1.41 19.61 33.85
C ALA A 126 1.38 19.68 32.33
N LEU A 127 1.36 20.90 31.78
CA LEU A 127 1.24 21.15 30.34
C LEU A 127 2.60 21.35 29.69
N GLU A 128 3.62 21.49 30.53
CA GLU A 128 5.02 21.61 30.13
C GLU A 128 5.37 22.91 29.36
N LEU A 129 4.70 23.97 29.78
CA LEU A 129 4.86 25.32 29.23
C LEU A 129 6.27 25.88 29.22
N ASP A 130 7.14 25.42 30.11
CA ASP A 130 8.51 25.94 30.13
C ASP A 130 9.33 25.40 28.98
N SER A 131 8.99 24.22 28.48
CA SER A 131 9.63 23.64 27.30
C SER A 131 9.52 24.58 26.08
N ILE A 132 8.46 25.39 26.02
CA ILE A 132 8.17 26.21 24.85
C ILE A 132 9.23 27.31 24.66
N ARG A 133 9.97 27.24 23.57
CA ARG A 133 11.08 28.14 23.29
C ARG A 133 10.73 29.17 22.21
N SER A 134 9.61 28.96 21.54
CA SER A 134 9.40 29.47 20.18
C SER A 134 8.07 30.21 19.87
N HIS A 135 7.21 30.40 20.88
CA HIS A 135 5.95 31.16 20.80
C HIS A 135 5.88 31.93 22.11
N HIS A 136 5.26 33.10 22.09
CA HIS A 136 5.07 33.85 23.31
C HIS A 136 3.79 33.33 23.97
N TRP A 137 3.81 33.27 25.29
CA TRP A 137 2.69 32.69 26.02
C TRP A 137 2.34 33.32 27.36
N ARG A 138 1.13 33.06 27.82
CA ARG A 138 0.70 33.51 29.10
C ARG A 138 -0.38 32.53 29.56
N ILE A 139 -0.32 32.16 30.83
CA ILE A 139 -1.30 31.30 31.45
C ILE A 139 -2.15 32.21 32.33
N GLN A 140 -3.45 31.99 32.34
CA GLN A 140 -4.37 32.95 32.96
C GLN A 140 -5.54 32.14 33.47
N GLY A 141 -5.78 32.23 34.77
CA GLY A 141 -6.89 31.54 35.38
C GLY A 141 -8.15 32.33 35.08
N CYS A 142 -9.27 31.63 35.07
CA CYS A 142 -10.54 32.25 34.86
C CYS A 142 -11.65 31.29 35.23
N SER A 143 -12.81 31.89 35.42
CA SER A 143 -14.06 31.17 35.52
C SER A 143 -14.94 31.66 34.38
N ALA A 144 -15.06 30.87 33.31
CA ALA A 144 -15.75 31.35 32.09
C ALA A 144 -17.23 31.66 32.30
N VAL A 145 -17.85 30.90 33.18
CA VAL A 145 -19.24 31.09 33.56
C VAL A 145 -19.55 32.48 34.20
N THR A 146 -18.57 33.01 34.95
CA THR A 146 -18.72 34.31 35.63
C THR A 146 -18.38 35.46 34.68
N GLY A 147 -17.52 35.21 33.69
CA GLY A 147 -16.88 36.26 32.89
C GLY A 147 -15.53 36.67 33.46
N GLU A 148 -15.13 36.07 34.58
CA GLU A 148 -13.96 36.51 35.33
C GLU A 148 -12.66 36.23 34.56
N ASP A 149 -11.87 37.29 34.36
CA ASP A 149 -10.48 37.16 33.92
C ASP A 149 -10.26 36.84 32.44
N LEU A 150 -11.28 37.08 31.63
CA LEU A 150 -11.23 36.83 30.20
C LEU A 150 -10.62 38.00 29.40
N LEU A 151 -11.18 39.19 29.52
CA LEU A 151 -10.70 40.29 28.71
C LEU A 151 -9.23 40.59 28.96
N PRO A 152 -8.85 40.82 30.24
CA PRO A 152 -7.41 41.02 30.51
C PRO A 152 -6.54 39.98 29.81
N GLY A 153 -6.97 38.71 29.83
CA GLY A 153 -6.33 37.63 29.06
C GLY A 153 -6.23 37.92 27.57
N ILE A 154 -7.36 38.27 26.95
CA ILE A 154 -7.39 38.58 25.53
C ILE A 154 -6.57 39.85 25.27
N ASP A 155 -6.77 40.85 26.11
CA ASP A 155 -6.10 42.15 25.96
C ASP A 155 -4.61 41.91 25.86
N TRP A 156 -4.08 41.02 26.72
CA TRP A 156 -2.67 40.71 26.64
C TRP A 156 -2.32 40.02 25.31
N LEU A 157 -3.18 39.12 24.87
CA LEU A 157 -2.99 38.45 23.59
C LEU A 157 -2.83 39.46 22.43
N LEU A 158 -3.70 40.46 22.37
CA LEU A 158 -3.69 41.40 21.25
C LEU A 158 -2.47 42.31 21.27
N ASP A 159 -2.08 42.71 22.47
CA ASP A 159 -0.87 43.55 22.65
C ASP A 159 0.35 42.76 22.20
N ASP A 160 0.41 41.49 22.57
CA ASP A 160 1.56 40.73 22.17
C ASP A 160 1.59 40.53 20.65
N ILE A 161 0.45 40.10 20.07
CA ILE A 161 0.34 39.96 18.64
C ILE A 161 0.72 41.28 17.94
N SER A 162 0.24 42.38 18.53
CA SER A 162 0.41 43.74 18.02
C SER A 162 1.88 44.20 17.92
N SER A 163 2.75 43.73 18.81
CA SER A 163 4.21 43.90 18.63
C SER A 163 4.70 43.11 17.45
N ARG A 164 4.07 41.94 17.23
CA ARG A 164 4.30 41.05 16.06
C ARG A 164 5.27 39.90 16.34
N PRO B 59 -20.06 28.75 -14.40
CA PRO B 59 -19.96 28.68 -12.92
C PRO B 59 -19.44 29.99 -12.35
N ILE B 60 -20.35 30.75 -11.71
CA ILE B 60 -20.01 32.08 -11.15
C ILE B 60 -19.04 32.01 -9.98
N GLY B 61 -18.15 32.99 -9.92
CA GLY B 61 -17.15 33.06 -8.87
C GLY B 61 -17.14 34.39 -8.15
N PRO B 62 -16.39 34.47 -7.03
CA PRO B 62 -16.28 35.71 -6.27
C PRO B 62 -16.00 36.96 -7.11
N GLU B 63 -15.08 36.89 -8.07
CA GLU B 63 -14.67 38.06 -8.82
C GLU B 63 -15.79 38.52 -9.71
N ASP B 64 -16.64 37.57 -10.14
CA ASP B 64 -17.81 37.86 -10.97
C ASP B 64 -18.90 38.69 -10.29
N VAL B 65 -18.96 38.67 -8.95
CA VAL B 65 -20.02 39.37 -8.19
C VAL B 65 -19.41 40.54 -7.46
N LEU B 66 -18.09 40.60 -7.39
CA LEU B 66 -17.47 41.77 -6.71
C LEU B 66 -17.66 43.12 -7.44
N GLY B 67 -17.87 43.11 -8.76
CA GLY B 67 -18.05 44.36 -9.48
C GLY B 67 -19.48 44.66 -9.91
N LEU B 68 -20.45 43.88 -9.42
CA LEU B 68 -21.85 44.12 -9.76
C LEU B 68 -22.32 45.45 -9.19
N GLN B 69 -23.09 46.20 -9.98
CA GLN B 69 -23.51 47.57 -9.62
C GLN B 69 -24.98 47.66 -9.29
N ARG B 70 -25.67 46.52 -9.36
CA ARG B 70 -27.09 46.48 -9.11
C ARG B 70 -27.40 45.10 -8.63
N ILE B 71 -28.56 44.98 -8.02
CA ILE B 71 -29.18 43.74 -7.64
C ILE B 71 -29.37 42.94 -8.94
N THR B 72 -29.22 41.64 -8.90
CA THR B 72 -29.46 40.81 -10.04
C THR B 72 -30.94 40.58 -10.26
N GLY B 73 -31.39 40.68 -11.51
CA GLY B 73 -32.78 40.39 -11.85
C GLY B 73 -33.21 38.94 -11.69
N ASP B 74 -32.23 38.02 -11.60
CA ASP B 74 -32.45 36.54 -11.50
C ASP B 74 -31.48 35.78 -10.51
N TYR B 75 -31.87 34.60 -10.08
CA TYR B 75 -31.00 33.80 -9.21
C TYR B 75 -29.86 33.21 -10.06
N LEU B 76 -28.63 33.35 -9.58
CA LEU B 76 -27.43 33.03 -10.36
C LEU B 76 -26.98 31.60 -10.29
N CYS B 77 -27.69 30.76 -9.56
CA CYS B 77 -27.38 29.36 -9.62
C CYS B 77 -28.65 28.62 -9.29
N SER B 78 -28.74 27.35 -9.70
CA SER B 78 -29.87 26.55 -9.33
C SER B 78 -29.56 25.89 -7.99
N PRO B 79 -30.60 25.73 -7.14
CA PRO B 79 -30.47 25.08 -5.81
C PRO B 79 -29.81 23.70 -5.86
N GLU B 80 -29.77 23.04 -7.00
CA GLU B 80 -29.06 21.76 -7.17
C GLU B 80 -27.56 21.90 -7.05
N GLU B 81 -27.03 23.04 -7.45
CA GLU B 81 -25.62 23.35 -7.26
C GLU B 81 -25.17 23.00 -5.84
N ASN B 82 -26.11 23.09 -4.88
CA ASN B 82 -25.79 22.87 -3.46
C ASN B 82 -25.50 21.40 -3.08
N ILE B 83 -24.49 20.82 -3.69
CA ILE B 83 -24.20 19.41 -3.41
C ILE B 83 -23.55 19.19 -2.05
N TYR B 84 -23.22 20.28 -1.37
CA TYR B 84 -22.67 20.24 -0.01
C TYR B 84 -23.74 20.22 1.07
N LYS B 85 -24.99 20.45 0.64
CA LYS B 85 -26.17 20.49 1.51
C LYS B 85 -26.01 21.44 2.70
N ILE B 86 -25.40 22.59 2.41
CA ILE B 86 -25.34 23.71 3.29
C ILE B 86 -26.76 24.24 3.42
N ASP B 87 -27.26 24.24 4.64
CA ASP B 87 -28.62 24.55 4.97
C ASP B 87 -28.64 25.62 6.12
N PHE B 88 -29.10 26.86 5.86
CA PHE B 88 -29.23 27.87 6.99
C PHE B 88 -30.46 27.56 7.79
N VAL B 89 -30.27 27.31 9.07
CA VAL B 89 -31.38 26.86 9.92
C VAL B 89 -31.75 27.93 10.94
N ARG B 90 -30.94 28.98 11.04
CA ARG B 90 -31.24 30.04 12.00
C ARG B 90 -30.56 31.34 11.61
N PHE B 91 -31.31 32.44 11.67
CA PHE B 91 -30.73 33.76 11.55
C PHE B 91 -31.29 34.62 12.68
N LYS B 92 -30.43 35.44 13.33
CA LYS B 92 -30.84 36.30 14.46
C LYS B 92 -30.12 37.64 14.41
N ILE B 93 -30.84 38.73 14.66
CA ILE B 93 -30.26 40.08 14.60
C ILE B 93 -30.53 40.78 15.91
N ARG B 94 -29.49 41.33 16.52
CA ARG B 94 -29.61 41.86 17.87
C ARG B 94 -29.17 43.32 17.89
N ASP B 95 -29.93 44.19 18.55
CA ASP B 95 -29.44 45.52 18.93
C ASP B 95 -28.42 45.36 20.04
N MET B 96 -27.18 45.75 19.78
CA MET B 96 -26.17 45.58 20.82
C MET B 96 -26.33 46.58 21.98
N ASP B 97 -26.96 47.72 21.72
CA ASP B 97 -27.19 48.71 22.78
C ASP B 97 -28.24 48.25 23.81
N SER B 98 -29.45 47.97 23.35
CA SER B 98 -30.55 47.61 24.22
C SER B 98 -30.69 46.10 24.42
N GLY B 99 -30.02 45.31 23.58
CA GLY B 99 -30.11 43.85 23.67
C GLY B 99 -31.40 43.25 23.13
N THR B 100 -32.18 44.05 22.42
CA THR B 100 -33.41 43.61 21.76
C THR B 100 -33.10 42.80 20.52
N VAL B 101 -33.78 41.68 20.37
CA VAL B 101 -33.71 40.87 19.16
C VAL B 101 -34.63 41.58 18.19
N LEU B 102 -34.08 41.94 17.05
CA LEU B 102 -34.79 42.70 16.03
C LEU B 102 -35.49 41.76 15.06
N PHE B 103 -34.98 40.55 14.95
CA PHE B 103 -35.48 39.60 13.99
C PHE B 103 -34.85 38.24 14.25
N GLU B 104 -35.67 37.21 14.19
CA GLU B 104 -35.20 35.85 14.29
C GLU B 104 -36.05 34.90 13.45
N ILE B 105 -35.36 33.97 12.79
CA ILE B 105 -36.04 33.00 11.95
C ILE B 105 -35.35 31.67 12.17
N LYS B 106 -36.13 30.64 12.42
CA LYS B 106 -35.55 29.34 12.72
C LYS B 106 -36.27 28.24 11.93
N LYS B 107 -35.62 27.10 11.83
CA LYS B 107 -35.98 26.04 10.91
C LYS B 107 -35.14 24.82 11.32
N PRO B 108 -35.74 23.62 11.39
CA PRO B 108 -34.90 22.44 11.56
C PRO B 108 -34.15 22.14 10.26
N PRO B 109 -33.06 21.33 10.30
CA PRO B 109 -32.38 20.60 11.38
C PRO B 109 -31.80 21.49 12.48
N ASN B 124 -34.78 28.74 -11.45
CA ASN B 124 -33.64 28.58 -10.55
C ASN B 124 -33.84 29.26 -9.15
N ALA B 125 -35.08 29.68 -8.88
CA ALA B 125 -35.41 30.38 -7.62
C ALA B 125 -34.69 29.75 -6.42
N GLY B 126 -34.07 30.58 -5.58
CA GLY B 126 -33.50 30.16 -4.30
C GLY B 126 -34.26 30.89 -3.21
N ARG B 127 -33.64 31.01 -2.04
CA ARG B 127 -34.27 31.60 -0.86
C ARG B 127 -34.54 33.11 -0.92
N PHE B 128 -35.62 33.55 -0.25
CA PHE B 128 -36.01 34.95 -0.14
C PHE B 128 -36.62 35.37 1.21
N VAL B 129 -36.11 36.48 1.77
CA VAL B 129 -36.72 37.06 2.97
C VAL B 129 -37.09 38.56 2.80
N ARG B 130 -38.32 38.91 3.13
CA ARG B 130 -38.74 40.30 3.13
C ARG B 130 -38.74 40.79 4.58
N TYR B 131 -37.69 41.53 4.94
CA TYR B 131 -37.53 41.99 6.33
C TYR B 131 -38.42 43.18 6.71
N GLN B 132 -38.89 43.20 7.95
CA GLN B 132 -39.80 44.26 8.40
C GLN B 132 -39.15 45.01 9.54
N PHE B 133 -38.29 45.98 9.21
CA PHE B 133 -37.62 46.79 10.25
C PHE B 133 -38.33 48.13 10.50
N THR B 134 -37.92 48.83 11.57
CA THR B 134 -38.44 50.16 11.92
C THR B 134 -37.49 51.27 11.45
N PRO B 135 -37.96 52.55 11.46
CA PRO B 135 -37.06 53.70 11.19
C PRO B 135 -35.83 53.78 12.10
N ALA B 136 -35.98 53.35 13.35
CA ALA B 136 -34.88 53.33 14.32
C ALA B 136 -33.78 52.36 13.90
N PHE B 137 -34.14 51.27 13.22
CA PHE B 137 -33.11 50.33 12.75
C PHE B 137 -31.90 51.08 12.13
N LEU B 138 -32.20 52.08 11.30
CA LEU B 138 -31.22 52.79 10.50
C LEU B 138 -30.35 53.75 11.31
N ARG B 139 -30.63 53.88 12.60
CA ARG B 139 -29.89 54.79 13.48
C ARG B 139 -29.05 54.08 14.52
N LEU B 140 -29.04 52.74 14.45
CA LEU B 140 -28.44 51.91 15.47
C LEU B 140 -26.94 52.09 15.38
N ARG B 141 -26.29 51.96 16.51
CA ARG B 141 -24.84 52.07 16.53
C ARG B 141 -24.18 50.71 16.29
N GLN B 142 -24.73 49.66 16.89
CA GLN B 142 -24.11 48.33 16.77
C GLN B 142 -25.12 47.19 16.73
N VAL B 143 -24.94 46.27 15.77
CA VAL B 143 -25.83 45.13 15.64
C VAL B 143 -25.05 43.82 15.54
N GLY B 144 -25.67 42.76 16.06
CA GLY B 144 -25.10 41.44 15.99
C GLY B 144 -25.97 40.57 15.10
N ALA B 145 -25.38 40.06 14.02
CA ALA B 145 -26.02 39.09 13.13
C ALA B 145 -25.50 37.66 13.32
N THR B 146 -26.34 36.76 13.82
CA THR B 146 -25.95 35.34 13.94
C THR B 146 -26.53 34.44 12.83
N VAL B 147 -25.68 33.59 12.25
CA VAL B 147 -26.13 32.46 11.42
C VAL B 147 -25.73 31.09 12.00
N GLU B 148 -26.63 30.14 11.84
CA GLU B 148 -26.37 28.75 12.11
C GLU B 148 -26.68 28.02 10.83
N PHE B 149 -25.78 27.12 10.45
CA PHE B 149 -26.04 26.22 9.35
C PHE B 149 -25.43 24.82 9.55
N THR B 150 -26.11 23.81 9.04
CA THR B 150 -25.59 22.45 9.04
C THR B 150 -25.05 22.20 7.66
N VAL B 151 -24.17 21.20 7.57
CA VAL B 151 -23.51 20.82 6.33
C VAL B 151 -23.69 19.32 6.10
N GLY B 152 -23.73 18.90 4.83
CA GLY B 152 -23.79 17.47 4.51
C GLY B 152 -22.54 16.62 4.75
N ASP B 153 -22.47 15.52 4.01
CA ASP B 153 -21.46 14.45 4.06
C ASP B 153 -20.07 14.80 3.58
N LYS B 154 -20.00 15.56 2.51
CA LYS B 154 -18.72 15.93 1.94
C LYS B 154 -18.09 17.07 2.77
N PRO B 155 -16.75 17.11 2.84
CA PRO B 155 -16.09 18.31 3.38
C PRO B 155 -16.45 19.58 2.57
N VAL B 156 -16.37 20.76 3.17
CA VAL B 156 -16.57 21.96 2.40
C VAL B 156 -15.35 22.82 2.58
N ASN B 157 -14.54 22.96 1.51
CA ASN B 157 -13.36 23.85 1.49
C ASN B 157 -13.64 25.25 1.12
N ASN B 158 -12.93 26.17 1.76
CA ASN B 158 -13.02 27.56 1.37
C ASN B 158 -14.45 28.04 1.25
N PHE B 159 -15.15 28.01 2.37
CA PHE B 159 -16.52 28.47 2.38
C PHE B 159 -16.52 29.97 2.55
N ARG B 160 -17.30 30.63 1.70
CA ARG B 160 -17.17 32.06 1.51
C ARG B 160 -18.49 32.73 1.11
N MET B 161 -18.74 33.87 1.74
CA MET B 161 -19.93 34.62 1.49
C MET B 161 -19.56 36.03 1.01
N ILE B 162 -20.25 36.47 -0.04
CA ILE B 162 -20.27 37.85 -0.44
C ILE B 162 -21.73 38.35 -0.42
N GLU B 163 -22.00 39.38 0.39
CA GLU B 163 -23.33 39.98 0.50
C GLU B 163 -23.32 41.45 0.08
N ARG B 164 -24.16 41.77 -0.90
CA ARG B 164 -24.21 43.14 -1.44
C ARG B 164 -25.59 43.73 -1.26
N HIS B 165 -25.62 44.95 -0.72
CA HIS B 165 -26.85 45.67 -0.37
C HIS B 165 -27.04 46.93 -1.21
N TYR B 166 -28.23 47.05 -1.79
CA TYR B 166 -28.50 48.11 -2.75
C TYR B 166 -29.72 48.86 -2.36
N PHE B 167 -29.69 50.15 -2.57
CA PHE B 167 -30.89 50.93 -2.49
C PHE B 167 -31.05 51.56 -3.86
N ARG B 168 -32.22 51.35 -4.48
CA ARG B 168 -32.49 51.86 -5.81
C ARG B 168 -31.26 51.68 -6.73
N ASN B 169 -30.80 50.43 -6.85
CA ASN B 169 -29.70 50.05 -7.76
C ASN B 169 -28.41 50.90 -7.59
N GLN B 170 -28.15 51.25 -6.33
CA GLN B 170 -26.96 51.95 -5.91
C GLN B 170 -26.39 51.20 -4.65
N LEU B 171 -25.24 50.54 -4.84
CA LEU B 171 -24.58 49.82 -3.77
C LEU B 171 -24.48 50.61 -2.46
N LEU B 172 -24.84 49.98 -1.33
CA LEU B 172 -24.74 50.58 -0.01
C LEU B 172 -23.60 49.98 0.79
N LYS B 173 -23.54 48.65 0.84
CA LYS B 173 -22.53 47.93 1.59
C LYS B 173 -22.22 46.61 0.88
N SER B 174 -20.96 46.17 0.97
CA SER B 174 -20.52 44.86 0.48
C SER B 174 -19.77 44.17 1.62
N PHE B 175 -20.17 42.92 1.99
CA PHE B 175 -19.48 42.11 3.00
C PHE B 175 -18.91 40.86 2.31
N ASP B 176 -17.61 40.65 2.45
CA ASP B 176 -16.92 39.49 1.85
C ASP B 176 -16.28 38.69 3.00
N PHE B 177 -16.85 37.53 3.29
CA PHE B 177 -16.38 36.78 4.47
C PHE B 177 -15.98 35.37 4.15
N HIS B 178 -14.77 35.03 4.61
CA HIS B 178 -14.16 33.73 4.37
C HIS B 178 -14.34 32.82 5.58
N PHE B 179 -15.31 31.94 5.53
CA PHE B 179 -15.56 31.05 6.66
C PHE B 179 -14.43 30.04 6.83
N GLY B 180 -13.97 29.48 5.70
CA GLY B 180 -12.94 28.47 5.69
C GLY B 180 -13.49 27.05 5.53
N PHE B 181 -12.79 26.07 6.11
CA PHE B 181 -13.22 24.69 6.09
C PHE B 181 -14.49 24.43 6.93
N CYS B 182 -15.42 23.65 6.35
CA CYS B 182 -16.57 23.09 7.06
C CYS B 182 -16.44 21.58 7.10
N ILE B 183 -16.47 21.05 8.31
CA ILE B 183 -16.33 19.65 8.59
C ILE B 183 -17.59 18.90 8.15
N PRO B 184 -17.42 17.71 7.54
CA PRO B 184 -18.62 16.95 7.12
C PRO B 184 -19.61 16.80 8.28
N SER B 185 -20.91 16.88 7.99
CA SER B 185 -21.96 16.64 9.00
C SER B 185 -22.04 17.59 10.22
N SER B 186 -21.55 18.80 10.06
CA SER B 186 -21.46 19.72 11.21
C SER B 186 -22.62 20.70 11.34
N LYS B 187 -22.78 21.25 12.54
CA LYS B 187 -23.63 22.39 12.78
C LYS B 187 -22.66 23.48 13.20
N ASN B 188 -22.65 24.56 12.42
CA ASN B 188 -21.70 25.64 12.64
C ASN B 188 -22.42 26.96 12.92
N THR B 189 -21.68 27.88 13.51
CA THR B 189 -22.22 29.17 13.86
C THR B 189 -21.28 30.29 13.41
N CYS B 190 -21.85 31.40 12.98
CA CYS B 190 -21.08 32.61 12.74
C CYS B 190 -21.85 33.80 13.26
N GLU B 191 -21.25 34.50 14.22
CA GLU B 191 -21.75 35.77 14.71
C GLU B 191 -20.89 36.98 14.30
N HIS B 192 -21.51 37.97 13.67
CA HIS B 192 -20.84 39.20 13.26
C HIS B 192 -21.31 40.38 14.12
N ILE B 193 -20.41 41.00 14.87
CA ILE B 193 -20.79 42.21 15.59
C ILE B 193 -20.26 43.42 14.83
N TYR B 194 -21.14 44.07 14.08
CA TYR B 194 -20.78 45.08 13.08
C TYR B 194 -20.94 46.52 13.62
N LEU B 199 -24.60 57.05 8.26
CA LEU B 199 -25.63 57.00 7.22
C LEU B 199 -26.31 58.36 7.03
N SER B 200 -26.33 58.88 5.80
CA SER B 200 -26.73 60.25 5.60
C SER B 200 -28.24 60.44 5.78
N GLU B 201 -28.62 61.61 6.32
CA GLU B 201 -30.02 61.99 6.54
C GLU B 201 -30.92 61.90 5.30
N GLU B 202 -30.36 62.14 4.12
CA GLU B 202 -31.17 62.01 2.92
C GLU B 202 -31.34 60.54 2.52
N LEU B 203 -30.36 59.73 2.89
CA LEU B 203 -30.42 58.31 2.61
C LEU B 203 -31.42 57.64 3.55
N ILE B 204 -31.33 57.94 4.84
CA ILE B 204 -32.30 57.44 5.82
C ILE B 204 -33.73 57.86 5.45
N SER B 205 -33.90 59.15 5.10
CA SER B 205 -35.23 59.63 4.73
C SER B 205 -35.79 58.89 3.52
N GLU B 206 -34.97 58.67 2.50
CA GLU B 206 -35.46 58.04 1.29
C GLU B 206 -35.77 56.54 1.53
N MET B 207 -34.95 55.90 2.36
CA MET B 207 -35.12 54.50 2.66
C MET B 207 -36.37 54.23 3.48
N ILE B 208 -36.72 55.15 4.40
CA ILE B 208 -37.99 55.05 5.12
C ILE B 208 -39.13 55.34 4.18
N ARG B 209 -38.96 56.27 3.26
CA ARG B 209 -40.05 56.51 2.30
C ARG B 209 -40.31 55.31 1.37
N HIS B 210 -39.26 54.62 0.94
CA HIS B 210 -39.39 53.65 -0.15
C HIS B 210 -39.20 52.19 0.22
N PRO B 211 -40.17 51.60 0.93
CA PRO B 211 -39.97 50.22 1.42
C PRO B 211 -39.66 49.27 0.27
N TYR B 212 -38.97 48.17 0.57
CA TYR B 212 -38.61 47.12 -0.45
C TYR B 212 -37.74 47.55 -1.61
N GLU B 213 -37.26 48.79 -1.60
CA GLU B 213 -36.29 49.21 -2.60
C GLU B 213 -34.85 49.08 -2.07
N THR B 214 -34.72 48.85 -0.77
CA THR B 214 -33.47 48.28 -0.28
C THR B 214 -33.46 46.75 -0.54
N GLN B 215 -32.49 46.30 -1.33
CA GLN B 215 -32.43 44.91 -1.72
C GLN B 215 -31.04 44.36 -1.51
N SER B 216 -30.94 43.08 -1.17
CA SER B 216 -29.65 42.44 -1.03
C SER B 216 -29.58 41.10 -1.78
N ASP B 217 -28.36 40.74 -2.19
CA ASP B 217 -27.99 39.49 -2.85
C ASP B 217 -26.94 38.83 -1.96
N SER B 218 -27.17 37.60 -1.51
CA SER B 218 -26.13 36.88 -0.74
C SER B 218 -25.59 35.70 -1.52
N PHE B 219 -24.29 35.73 -1.80
CA PHE B 219 -23.69 34.69 -2.62
C PHE B 219 -22.77 33.83 -1.77
N TYR B 220 -23.00 32.52 -1.80
CA TYR B 220 -22.14 31.60 -1.08
C TYR B 220 -21.37 30.75 -2.05
N PHE B 221 -20.05 30.75 -1.89
CA PHE B 221 -19.09 30.05 -2.77
C PHE B 221 -18.43 28.88 -2.01
N VAL B 222 -18.03 27.87 -2.76
CA VAL B 222 -17.26 26.77 -2.18
C VAL B 222 -16.12 26.45 -3.09
N ASP B 223 -14.91 26.81 -2.67
CA ASP B 223 -13.76 26.70 -3.57
C ASP B 223 -14.06 27.50 -4.83
N ASP B 224 -14.39 28.77 -4.63
CA ASP B 224 -14.68 29.72 -5.69
C ASP B 224 -15.89 29.40 -6.60
N ARG B 225 -16.67 28.38 -6.26
CA ARG B 225 -17.85 28.05 -7.07
C ARG B 225 -19.15 28.44 -6.37
N LEU B 226 -19.95 29.31 -7.01
CA LEU B 226 -21.27 29.64 -6.48
C LEU B 226 -22.08 28.37 -6.27
N VAL B 227 -22.60 28.20 -5.06
CA VAL B 227 -23.45 27.06 -4.71
C VAL B 227 -24.80 27.51 -4.15
N MET B 228 -24.93 28.78 -3.78
CA MET B 228 -26.16 29.31 -3.15
C MET B 228 -26.34 30.84 -3.24
N HIS B 229 -27.52 31.25 -3.66
CA HIS B 229 -27.80 32.63 -3.84
C HIS B 229 -29.12 32.91 -3.13
N ASN B 230 -29.07 33.71 -2.07
CA ASN B 230 -30.28 34.12 -1.39
C ASN B 230 -30.52 35.59 -1.66
N LYS B 231 -31.79 35.98 -1.64
CA LYS B 231 -32.17 37.35 -1.93
C LYS B 231 -33.02 37.88 -0.79
N ALA B 232 -33.08 39.20 -0.67
CA ALA B 232 -33.84 39.86 0.38
C ALA B 232 -34.23 41.29 -0.02
N ASP B 233 -35.36 41.76 0.50
CA ASP B 233 -35.65 43.18 0.47
C ASP B 233 -36.02 43.62 1.88
N TYR B 234 -36.03 44.93 2.11
CA TYR B 234 -36.15 45.49 3.43
C TYR B 234 -37.13 46.65 3.50
N SER B 235 -37.86 46.71 4.61
CA SER B 235 -38.74 47.81 4.94
C SER B 235 -38.26 48.53 6.20
N TYR B 236 -38.32 49.86 6.20
CA TYR B 236 -38.06 50.63 7.39
C TYR B 236 -39.20 51.58 7.74
N SER B 237 -40.44 51.34 7.27
CA SER B 237 -41.62 52.18 7.66
C SER B 237 -41.76 52.31 9.17
N LEU C 2 27.67 -25.61 -15.21
CA LEU C 2 28.11 -26.65 -14.20
C LEU C 2 27.22 -27.91 -14.06
N ARG C 3 27.87 -29.07 -14.14
CA ARG C 3 27.17 -30.36 -14.06
C ARG C 3 27.61 -31.14 -12.81
N LEU C 4 26.63 -31.48 -11.98
CA LEU C 4 26.86 -32.27 -10.77
C LEU C 4 26.23 -33.64 -10.90
N LEU C 5 26.96 -34.67 -10.48
CA LEU C 5 26.44 -36.03 -10.50
C LEU C 5 26.37 -36.59 -9.09
N MET C 6 25.14 -36.95 -8.68
CA MET C 6 24.82 -37.40 -7.31
C MET C 6 24.60 -38.91 -7.27
N LEU C 7 25.62 -39.62 -6.78
CA LEU C 7 25.59 -41.07 -6.68
C LEU C 7 25.68 -41.53 -5.23
N GLY C 8 25.38 -42.82 -5.00
CA GLY C 8 25.60 -43.49 -3.72
C GLY C 8 24.71 -44.72 -3.79
N LEU C 9 24.93 -45.68 -2.89
CA LEU C 9 24.00 -46.83 -2.74
C LEU C 9 22.49 -46.48 -2.57
N ASP C 10 21.66 -47.42 -3.00
CA ASP C 10 20.22 -47.27 -2.82
C ASP C 10 20.00 -47.02 -1.35
N ASN C 11 19.00 -46.17 -1.09
CA ASN C 11 18.53 -45.89 0.29
C ASN C 11 19.39 -44.90 1.06
N ALA C 12 20.41 -44.34 0.42
CA ALA C 12 21.38 -43.50 1.09
C ALA C 12 20.78 -42.12 1.28
N GLY C 13 19.85 -41.73 0.42
CA GLY C 13 19.12 -40.48 0.64
C GLY C 13 19.46 -39.43 -0.39
N LYS C 14 20.02 -39.87 -1.53
CA LYS C 14 20.35 -39.00 -2.63
C LYS C 14 19.12 -38.20 -3.12
N THR C 15 18.02 -38.88 -3.42
CA THR C 15 16.84 -38.15 -3.88
C THR C 15 16.27 -37.18 -2.84
N THR C 16 16.28 -37.58 -1.56
CA THR C 16 15.86 -36.69 -0.48
C THR C 16 16.70 -35.43 -0.52
N ILE C 17 17.99 -35.60 -0.77
CA ILE C 17 18.89 -34.47 -0.84
C ILE C 17 18.48 -33.56 -2.02
N LEU C 18 18.33 -34.16 -3.20
CA LEU C 18 18.02 -33.40 -4.40
C LEU C 18 16.83 -32.47 -4.15
N LYS C 19 15.87 -32.95 -3.37
CA LYS C 19 14.59 -32.28 -3.20
C LYS C 19 14.58 -31.26 -2.06
N LYS C 20 15.47 -31.41 -1.09
CA LYS C 20 15.47 -30.56 0.08
C LYS C 20 16.39 -29.35 0.00
N PHE C 21 17.50 -29.45 -0.72
CA PHE C 21 18.42 -28.31 -0.77
C PHE C 21 17.85 -26.97 -1.32
N ASN C 22 16.65 -26.94 -1.91
CA ASN C 22 15.92 -25.66 -1.98
C ASN C 22 14.45 -25.77 -1.58
N THR C 28 6.51 -38.61 0.77
CA THR C 28 6.12 -38.44 -0.65
C THR C 28 7.19 -38.93 -1.65
N ILE C 29 8.10 -39.80 -1.17
CA ILE C 29 9.36 -40.11 -1.83
C ILE C 29 9.51 -41.62 -2.11
N SER C 30 10.21 -41.95 -3.19
CA SER C 30 10.20 -43.33 -3.70
C SER C 30 11.58 -43.78 -4.25
N PRO C 31 11.82 -45.11 -4.35
CA PRO C 31 13.10 -45.49 -4.99
C PRO C 31 13.24 -45.12 -6.48
N THR C 32 14.40 -44.60 -6.83
CA THR C 32 14.63 -44.07 -8.16
C THR C 32 15.14 -45.17 -9.11
N LEU C 33 14.33 -45.43 -10.11
CA LEU C 33 14.56 -46.48 -11.04
C LEU C 33 14.84 -45.74 -12.35
N GLY C 34 16.03 -45.15 -12.40
CA GLY C 34 16.43 -44.21 -13.45
C GLY C 34 17.03 -42.95 -12.80
N PHE C 35 16.71 -41.79 -13.35
CA PHE C 35 17.21 -40.56 -12.78
C PHE C 35 16.17 -39.45 -12.45
N ASN C 36 16.69 -38.47 -11.72
CA ASN C 36 16.03 -37.25 -11.38
C ASN C 36 16.98 -36.16 -11.75
N ILE C 37 16.59 -35.28 -12.65
CA ILE C 37 17.39 -34.05 -12.85
C ILE C 37 16.74 -32.85 -12.16
N LYS C 38 17.57 -32.03 -11.53
CA LYS C 38 17.14 -30.70 -11.12
C LYS C 38 18.11 -29.69 -11.69
N THR C 39 17.55 -28.61 -12.21
CA THR C 39 18.27 -27.57 -12.91
C THR C 39 17.94 -26.25 -12.23
N LEU C 40 18.95 -25.43 -11.99
CA LEU C 40 18.75 -24.34 -11.04
C LEU C 40 19.87 -23.30 -11.11
N GLU C 41 19.52 -22.05 -10.80
CA GLU C 41 20.48 -20.97 -10.50
C GLU C 41 20.78 -20.89 -8.99
N HIS C 42 22.07 -20.91 -8.63
CA HIS C 42 22.54 -20.73 -7.25
C HIS C 42 23.99 -20.17 -7.25
N ARG C 43 24.38 -19.36 -6.27
CA ARG C 43 25.68 -18.64 -6.29
C ARG C 43 26.09 -18.08 -7.64
N GLY C 44 25.13 -17.63 -8.45
CA GLY C 44 25.46 -17.09 -9.78
C GLY C 44 25.97 -18.13 -10.77
N PHE C 45 25.45 -19.36 -10.65
CA PHE C 45 25.79 -20.48 -11.55
C PHE C 45 24.52 -21.18 -12.02
N LYS C 46 24.51 -21.65 -13.27
CA LYS C 46 23.46 -22.58 -13.72
C LYS C 46 23.93 -23.98 -13.36
N LEU C 47 23.23 -24.62 -12.42
CA LEU C 47 23.60 -25.94 -11.93
C LEU C 47 22.70 -26.95 -12.52
N ASN C 48 23.27 -27.96 -13.16
CA ASN C 48 22.49 -29.08 -13.68
C ASN C 48 22.81 -30.34 -12.91
N ILE C 49 21.85 -30.81 -12.11
CA ILE C 49 22.08 -31.93 -11.21
C ILE C 49 21.28 -33.18 -11.51
N TRP C 50 22.03 -34.28 -11.69
CA TRP C 50 21.49 -35.63 -11.87
C TRP C 50 21.61 -36.48 -10.62
N ASP C 51 20.44 -36.92 -10.17
CA ASP C 51 20.31 -37.94 -9.12
C ASP C 51 20.03 -39.27 -9.79
N VAL C 52 21.07 -40.11 -9.92
CA VAL C 52 20.83 -41.46 -10.44
C VAL C 52 20.56 -42.51 -9.33
N GLY C 53 19.59 -43.41 -9.61
CA GLY C 53 19.28 -44.54 -8.76
C GLY C 53 20.50 -45.33 -8.36
N GLY C 54 20.50 -45.87 -7.12
CA GLY C 54 21.58 -46.70 -6.57
C GLY C 54 21.32 -48.20 -6.28
N LEU C 55 20.14 -48.75 -6.56
CA LEU C 55 20.00 -50.21 -6.44
C LEU C 55 21.00 -50.98 -7.36
N LYS C 56 21.39 -52.18 -6.91
CA LYS C 56 22.50 -52.94 -7.51
C LYS C 56 22.59 -52.92 -9.05
N SER C 57 21.46 -53.01 -9.71
CA SER C 57 21.45 -53.25 -11.15
C SER C 57 21.40 -51.99 -11.98
N LEU C 58 21.40 -50.84 -11.31
CA LEU C 58 21.35 -49.54 -11.98
C LEU C 58 22.78 -49.05 -12.04
N ARG C 59 23.61 -49.66 -11.18
CA ARG C 59 24.99 -49.21 -11.02
C ARG C 59 25.87 -49.32 -12.28
N SER C 60 25.72 -50.38 -13.06
CA SER C 60 26.49 -50.50 -14.31
C SER C 60 26.14 -49.38 -15.31
N TYR C 61 24.93 -48.82 -15.17
CA TYR C 61 24.53 -47.67 -15.95
C TYR C 61 25.06 -46.33 -15.43
N TRP C 62 25.68 -46.30 -14.24
CA TRP C 62 26.24 -45.07 -13.75
C TRP C 62 27.16 -44.38 -14.78
N ARG C 63 28.08 -45.14 -15.38
CA ARG C 63 29.06 -44.57 -16.32
C ARG C 63 28.50 -43.72 -17.43
N ASN C 64 27.21 -43.94 -17.75
CA ASN C 64 26.45 -43.17 -18.73
C ASN C 64 26.18 -41.68 -18.37
N TYR C 65 26.63 -41.29 -17.19
CA TYR C 65 26.49 -39.90 -16.77
C TYR C 65 27.84 -39.30 -16.37
N PHE C 66 28.90 -40.04 -16.59
CA PHE C 66 30.23 -39.55 -16.20
C PHE C 66 30.70 -38.34 -17.02
N GLU C 67 30.51 -38.40 -18.34
CA GLU C 67 31.07 -37.42 -19.25
C GLU C 67 30.63 -36.00 -18.82
N SER C 68 31.62 -35.10 -18.72
CA SER C 68 31.44 -33.65 -18.43
C SER C 68 31.12 -33.30 -16.99
N THR C 69 31.26 -34.26 -16.09
CA THR C 69 30.94 -34.01 -14.70
C THR C 69 31.93 -33.03 -14.10
N ASP C 70 31.43 -32.00 -13.42
CA ASP C 70 32.32 -31.06 -12.75
C ASP C 70 32.45 -31.42 -11.28
N GLY C 71 31.39 -32.01 -10.74
CA GLY C 71 31.26 -32.19 -9.29
C GLY C 71 30.49 -33.46 -8.98
N LEU C 72 31.13 -34.32 -8.18
CA LEU C 72 30.57 -35.61 -7.84
C LEU C 72 30.14 -35.59 -6.39
N ILE C 73 28.83 -35.75 -6.15
CA ILE C 73 28.33 -35.83 -4.77
C ILE C 73 28.09 -37.28 -4.40
N TRP C 74 28.82 -37.76 -3.41
CA TRP C 74 28.68 -39.15 -3.05
C TRP C 74 27.93 -39.12 -1.73
N VAL C 75 26.81 -39.81 -1.69
CA VAL C 75 25.96 -39.82 -0.50
C VAL C 75 25.95 -41.15 0.24
N VAL C 76 26.28 -41.11 1.53
CA VAL C 76 26.29 -42.29 2.41
C VAL C 76 25.22 -42.24 3.52
N ASP C 77 24.48 -43.35 3.63
CA ASP C 77 23.73 -43.62 4.83
C ASP C 77 24.75 -43.93 5.93
N SER C 78 25.08 -42.98 6.79
CA SER C 78 26.08 -43.25 7.85
C SER C 78 25.66 -44.28 8.94
N ALA C 79 24.42 -44.83 8.89
CA ALA C 79 24.05 -45.90 9.85
C ALA C 79 24.08 -47.30 9.21
N ASP C 80 24.26 -47.34 7.90
CA ASP C 80 24.27 -48.55 7.12
C ASP C 80 25.67 -49.15 7.23
N ARG C 81 26.04 -49.52 8.45
CA ARG C 81 27.40 -49.94 8.74
C ARG C 81 27.74 -51.33 8.14
N GLN C 82 26.73 -52.17 7.94
CA GLN C 82 26.90 -53.44 7.24
C GLN C 82 27.21 -53.27 5.73
N ARG C 83 26.97 -52.08 5.19
CA ARG C 83 27.26 -51.82 3.78
C ARG C 83 28.34 -50.76 3.49
N MET C 84 28.95 -50.19 4.54
CA MET C 84 30.11 -49.33 4.33
C MET C 84 31.18 -49.86 3.36
N GLN C 85 31.61 -51.11 3.51
CA GLN C 85 32.64 -51.58 2.62
C GLN C 85 32.16 -51.65 1.17
N ASP C 86 30.88 -51.96 0.93
CA ASP C 86 30.39 -51.93 -0.41
C ASP C 86 30.48 -50.49 -0.91
N CYS C 87 30.09 -49.57 -0.03
CA CYS C 87 30.04 -48.14 -0.32
C CYS C 87 31.46 -47.64 -0.60
N GLN C 88 32.41 -48.03 0.25
CA GLN C 88 33.82 -47.76 0.02
C GLN C 88 34.25 -48.31 -1.34
N ARG C 89 33.78 -49.50 -1.65
CA ARG C 89 34.24 -50.18 -2.86
C ARG C 89 33.67 -49.48 -4.09
N GLU C 90 32.38 -49.14 -4.07
CA GLU C 90 31.75 -48.38 -5.16
C GLU C 90 32.34 -46.98 -5.40
N LEU C 91 32.76 -46.33 -4.32
CA LEU C 91 33.33 -45.02 -4.42
C LEU C 91 34.71 -45.03 -5.08
N GLN C 92 35.61 -45.86 -4.55
CA GLN C 92 36.97 -45.97 -5.11
C GLN C 92 37.01 -46.28 -6.62
N SER C 93 36.19 -47.21 -7.10
CA SER C 93 35.97 -47.36 -8.53
C SER C 93 35.76 -46.03 -9.26
N LEU C 94 34.78 -45.26 -8.81
CA LEU C 94 34.45 -44.02 -9.49
C LEU C 94 35.69 -43.15 -9.65
N LEU C 95 36.52 -43.15 -8.61
CA LEU C 95 37.65 -42.25 -8.54
C LEU C 95 38.77 -42.58 -9.52
N VAL C 96 38.82 -43.83 -9.98
CA VAL C 96 39.77 -44.22 -11.03
C VAL C 96 39.21 -44.16 -12.44
N GLU C 97 37.96 -43.74 -12.57
CA GLU C 97 37.34 -43.58 -13.88
C GLU C 97 37.81 -42.29 -14.59
N GLU C 98 38.37 -42.45 -15.79
CA GLU C 98 38.96 -41.30 -16.55
C GLU C 98 37.98 -40.13 -16.85
N ARG C 99 36.72 -40.44 -17.06
CA ARG C 99 35.72 -39.40 -17.32
C ARG C 99 35.36 -38.57 -16.07
N LEU C 100 35.88 -38.95 -14.89
CA LEU C 100 35.66 -38.16 -13.68
C LEU C 100 36.96 -37.55 -13.21
N ALA C 101 37.97 -37.64 -14.05
CA ALA C 101 39.30 -37.10 -13.73
C ALA C 101 39.20 -35.71 -13.17
N GLY C 102 38.35 -34.88 -13.76
CA GLY C 102 38.20 -33.52 -13.28
C GLY C 102 37.62 -33.44 -11.87
N ALA C 103 36.50 -34.14 -11.68
CA ALA C 103 35.47 -33.77 -10.70
C ALA C 103 35.92 -33.47 -9.29
N THR C 104 35.30 -32.46 -8.67
CA THR C 104 35.42 -32.31 -7.23
C THR C 104 34.44 -33.30 -6.57
N LEU C 105 34.84 -33.80 -5.41
CA LEU C 105 34.14 -34.80 -4.66
C LEU C 105 33.59 -34.15 -3.42
N LEU C 106 32.29 -34.24 -3.21
CA LEU C 106 31.72 -33.97 -1.92
C LEU C 106 31.03 -35.21 -1.42
N ILE C 107 31.45 -35.68 -0.24
CA ILE C 107 30.75 -36.69 0.53
C ILE C 107 29.73 -36.11 1.56
N PHE C 108 28.49 -36.53 1.40
CA PHE C 108 27.54 -36.16 2.41
C PHE C 108 27.50 -37.39 3.26
N ALA C 109 27.73 -37.23 4.56
CA ALA C 109 27.53 -38.32 5.49
C ALA C 109 26.16 -38.15 6.10
N ASN C 110 25.19 -38.77 5.43
CA ASN C 110 23.75 -38.50 5.67
C ASN C 110 23.16 -39.31 6.86
N LYS C 111 21.96 -38.92 7.30
CA LYS C 111 21.25 -39.61 8.40
C LYS C 111 22.04 -39.49 9.76
N GLN C 112 22.79 -38.39 9.92
CA GLN C 112 23.47 -38.11 11.21
C GLN C 112 22.48 -38.07 12.37
N ASP C 113 21.20 -37.82 12.10
CA ASP C 113 20.17 -37.88 13.15
C ASP C 113 19.92 -39.30 13.69
N LEU C 114 20.20 -40.34 12.90
CA LEU C 114 19.89 -41.67 13.36
C LEU C 114 20.84 -42.16 14.49
N PRO C 115 20.26 -42.63 15.63
CA PRO C 115 21.10 -42.93 16.80
C PRO C 115 22.50 -43.46 16.47
N GLY C 116 22.59 -44.55 15.72
CA GLY C 116 23.88 -45.17 15.35
C GLY C 116 24.65 -44.61 14.13
N ALA C 117 24.38 -43.34 13.79
CA ALA C 117 25.03 -42.73 12.65
C ALA C 117 26.49 -42.74 12.97
N LEU C 118 27.28 -43.34 12.08
CA LEU C 118 28.73 -43.17 12.15
C LEU C 118 29.14 -41.68 12.08
N SER C 119 30.15 -41.33 12.86
CA SER C 119 30.75 -40.01 12.75
C SER C 119 31.45 -39.84 11.38
N CYS C 120 31.68 -38.57 11.04
CA CYS C 120 32.36 -38.21 9.81
C CYS C 120 33.72 -38.86 9.74
N ASN C 121 34.41 -38.88 10.89
CA ASN C 121 35.79 -39.38 10.96
C ASN C 121 35.81 -40.88 10.73
N ALA C 122 34.84 -41.55 11.35
CA ALA C 122 34.61 -42.97 11.18
C ALA C 122 34.35 -43.26 9.70
N ILE C 123 33.63 -42.35 9.03
CA ILE C 123 33.29 -42.56 7.64
C ILE C 123 34.52 -42.27 6.77
N GLN C 124 35.25 -41.23 7.15
CA GLN C 124 36.50 -40.92 6.49
C GLN C 124 37.48 -42.11 6.49
N GLU C 125 37.56 -42.84 7.61
CA GLU C 125 38.46 -44.01 7.71
C GLU C 125 37.91 -45.20 6.90
N ALA C 126 36.62 -45.46 7.08
CA ALA C 126 35.91 -46.55 6.42
C ALA C 126 35.87 -46.46 4.89
N LEU C 127 35.83 -45.23 4.37
CA LEU C 127 35.76 -44.95 2.92
C LEU C 127 37.12 -44.76 2.26
N GLU C 128 38.15 -44.59 3.10
CA GLU C 128 39.54 -44.50 2.66
C GLU C 128 39.83 -43.23 1.87
N LEU C 129 39.23 -42.15 2.34
CA LEU C 129 39.35 -40.82 1.78
C LEU C 129 40.78 -40.25 1.73
N ASP C 130 41.63 -40.67 2.68
CA ASP C 130 43.03 -40.21 2.69
C ASP C 130 43.84 -40.78 1.51
N SER C 131 43.50 -41.98 1.03
CA SER C 131 44.12 -42.54 -0.18
C SER C 131 44.00 -41.59 -1.37
N ILE C 132 42.97 -40.76 -1.41
CA ILE C 132 42.67 -39.94 -2.60
C ILE C 132 43.72 -38.83 -2.79
N ARG C 133 44.42 -38.90 -3.92
CA ARG C 133 45.55 -38.03 -4.21
C ARG C 133 45.23 -37.00 -5.30
N SER C 134 44.09 -37.17 -5.97
CA SER C 134 43.89 -36.63 -7.31
C SER C 134 42.51 -35.99 -7.59
N HIS C 135 41.68 -35.82 -6.56
CA HIS C 135 40.43 -35.03 -6.62
C HIS C 135 40.35 -34.24 -5.33
N HIS C 136 39.83 -33.04 -5.38
CA HIS C 136 39.56 -32.29 -4.15
C HIS C 136 38.29 -32.80 -3.50
N TRP C 137 38.30 -32.90 -2.16
CA TRP C 137 37.18 -33.48 -1.46
C TRP C 137 36.82 -32.84 -0.11
N ARG C 138 35.65 -33.17 0.37
CA ARG C 138 35.22 -32.67 1.63
C ARG C 138 34.12 -33.62 2.11
N ILE C 139 34.20 -33.98 3.38
CA ILE C 139 33.19 -34.84 3.99
C ILE C 139 32.37 -33.92 4.87
N GLN C 140 31.08 -34.16 4.94
CA GLN C 140 30.15 -33.22 5.55
C GLN C 140 28.99 -34.03 6.04
N GLY C 141 28.74 -33.97 7.34
CA GLY C 141 27.63 -34.66 7.96
C GLY C 141 26.39 -33.88 7.65
N CYS C 142 25.28 -34.57 7.56
CA CYS C 142 24.00 -33.92 7.43
C CYS C 142 22.86 -34.86 7.78
N SER C 143 21.71 -34.23 8.01
CA SER C 143 20.45 -34.93 8.08
C SER C 143 19.57 -34.42 6.92
N ALA C 144 19.50 -35.19 5.84
CA ALA C 144 18.81 -34.73 4.63
C ALA C 144 17.30 -34.49 4.85
N VAL C 145 16.74 -35.20 5.82
CA VAL C 145 15.32 -35.05 6.14
C VAL C 145 15.02 -33.67 6.78
N THR C 146 15.99 -33.11 7.50
CA THR C 146 15.80 -31.83 8.20
C THR C 146 16.15 -30.69 7.28
N GLY C 147 17.05 -30.93 6.33
CA GLY C 147 17.64 -29.87 5.50
C GLY C 147 18.97 -29.43 6.06
N GLU C 148 19.40 -30.07 7.14
CA GLU C 148 20.56 -29.63 7.90
C GLU C 148 21.87 -29.90 7.15
N ASP C 149 22.65 -28.86 6.92
CA ASP C 149 24.06 -29.00 6.49
C ASP C 149 24.25 -29.34 4.99
N LEU C 150 23.22 -29.07 4.19
CA LEU C 150 23.24 -29.33 2.75
C LEU C 150 23.84 -28.18 1.93
N LEU C 151 23.27 -26.96 2.04
CA LEU C 151 23.80 -25.82 1.26
C LEU C 151 25.25 -25.53 1.51
N PRO C 152 25.66 -25.31 2.79
CA PRO C 152 27.10 -25.10 3.04
C PRO C 152 27.97 -26.15 2.35
N GLY C 153 27.55 -27.41 2.39
CA GLY C 153 28.20 -28.49 1.61
C GLY C 153 28.28 -28.21 0.10
N ILE C 154 27.14 -27.88 -0.51
CA ILE C 154 27.09 -27.54 -1.93
C ILE C 154 27.90 -26.29 -2.19
N ASP C 155 27.69 -25.27 -1.34
CA ASP C 155 28.38 -23.99 -1.45
C ASP C 155 29.89 -24.22 -1.52
N TRP C 156 30.41 -25.13 -0.69
CA TRP C 156 31.83 -25.46 -0.76
C TRP C 156 32.18 -26.13 -2.10
N LEU C 157 31.28 -26.98 -2.59
CA LEU C 157 31.44 -27.67 -3.87
C LEU C 157 31.61 -26.71 -5.05
N LEU C 158 30.75 -25.70 -5.10
CA LEU C 158 30.78 -24.73 -6.20
C LEU C 158 32.03 -23.84 -6.17
N ASP C 159 32.43 -23.43 -4.98
CA ASP C 159 33.63 -22.61 -4.81
C ASP C 159 34.84 -23.40 -5.28
N ASP C 160 34.93 -24.66 -4.90
CA ASP C 160 36.09 -25.43 -5.31
C ASP C 160 36.13 -25.65 -6.82
N ILE C 161 35.02 -26.09 -7.41
CA ILE C 161 34.86 -26.20 -8.87
C ILE C 161 35.18 -24.87 -9.55
N SER C 162 34.68 -23.78 -8.96
CA SER C 162 34.85 -22.43 -9.47
C SER C 162 36.31 -21.99 -9.56
N SER C 163 37.17 -22.51 -8.68
CA SER C 163 38.60 -22.34 -8.83
C SER C 163 39.13 -23.06 -10.07
N ARG C 164 38.59 -24.25 -10.32
CA ARG C 164 38.91 -25.14 -11.47
C ARG C 164 39.68 -26.40 -11.05
N PRO D 59 14.36 -37.34 -41.80
CA PRO D 59 14.50 -37.42 -40.32
C PRO D 59 15.04 -36.09 -39.69
N ILE D 60 14.15 -35.28 -39.14
CA ILE D 60 14.48 -33.97 -38.58
C ILE D 60 15.50 -34.08 -37.46
N GLY D 61 16.45 -33.14 -37.42
CA GLY D 61 17.41 -33.06 -36.34
C GLY D 61 17.38 -31.75 -35.57
N PRO D 62 18.14 -31.67 -34.46
CA PRO D 62 18.25 -30.45 -33.66
C PRO D 62 18.48 -29.17 -34.49
N GLU D 63 19.47 -29.18 -35.38
CA GLU D 63 19.80 -28.03 -36.23
C GLU D 63 18.64 -27.62 -37.15
N ASP D 64 17.84 -28.60 -37.57
CA ASP D 64 16.67 -28.32 -38.41
C ASP D 64 15.61 -27.49 -37.74
N VAL D 65 15.49 -27.58 -36.40
CA VAL D 65 14.50 -26.82 -35.60
C VAL D 65 15.10 -25.63 -34.87
N LEU D 66 16.42 -25.52 -34.80
CA LEU D 66 17.01 -24.35 -34.12
C LEU D 66 16.82 -23.00 -34.84
N GLY D 67 16.64 -23.02 -36.16
CA GLY D 67 16.46 -21.76 -36.87
C GLY D 67 15.03 -21.46 -37.30
N LEU D 68 14.08 -22.26 -36.82
CA LEU D 68 12.66 -22.01 -37.12
C LEU D 68 12.19 -20.65 -36.54
N GLN D 69 11.44 -19.91 -37.36
CA GLN D 69 11.01 -18.54 -37.04
C GLN D 69 9.53 -18.47 -36.71
N ARG D 70 8.83 -19.59 -36.83
CA ARG D 70 7.41 -19.63 -36.54
C ARG D 70 7.07 -21.00 -36.06
N ILE D 71 5.91 -21.11 -35.42
CA ILE D 71 5.31 -22.38 -35.04
C ILE D 71 5.15 -23.17 -36.33
N THR D 72 5.26 -24.50 -36.24
CA THR D 72 5.02 -25.33 -37.40
C THR D 72 3.54 -25.58 -37.61
N GLY D 73 3.08 -25.41 -38.85
CA GLY D 73 1.70 -25.69 -39.20
C GLY D 73 1.31 -27.14 -39.08
N ASP D 74 2.29 -28.04 -39.00
CA ASP D 74 2.05 -29.50 -38.91
C ASP D 74 3.00 -30.23 -37.92
N TYR D 75 2.58 -31.41 -37.45
CA TYR D 75 3.44 -32.26 -36.61
C TYR D 75 4.57 -32.87 -37.42
N LEU D 76 5.80 -32.76 -36.93
CA LEU D 76 7.01 -33.05 -37.73
C LEU D 76 7.48 -34.48 -37.72
N CYS D 77 6.77 -35.33 -37.01
CA CYS D 77 7.10 -36.75 -37.06
C CYS D 77 5.85 -37.51 -36.70
N SER D 78 5.77 -38.77 -37.13
CA SER D 78 4.61 -39.57 -36.76
C SER D 78 4.90 -40.22 -35.41
N PRO D 79 3.86 -40.36 -34.56
CA PRO D 79 4.01 -41.00 -33.25
C PRO D 79 4.70 -42.38 -33.27
N GLU D 80 4.73 -43.06 -34.41
CA GLU D 80 5.45 -44.33 -34.60
C GLU D 80 6.95 -44.18 -34.51
N GLU D 81 7.46 -43.01 -34.87
CA GLU D 81 8.89 -42.71 -34.67
C GLU D 81 9.34 -43.04 -33.24
N ASN D 82 8.39 -42.99 -32.29
CA ASN D 82 8.67 -43.24 -30.87
C ASN D 82 8.89 -44.70 -30.51
N ILE D 83 9.94 -45.30 -31.05
CA ILE D 83 10.23 -46.72 -30.79
C ILE D 83 10.89 -46.94 -29.42
N TYR D 84 11.25 -45.84 -28.76
CA TYR D 84 11.78 -45.86 -27.38
C TYR D 84 10.66 -45.82 -26.35
N LYS D 85 9.44 -45.59 -26.81
CA LYS D 85 8.28 -45.55 -25.93
C LYS D 85 8.50 -44.61 -24.73
N ILE D 86 9.11 -43.46 -25.03
CA ILE D 86 9.16 -42.31 -24.14
C ILE D 86 7.72 -41.80 -23.94
N ASP D 87 7.26 -41.80 -22.71
CA ASP D 87 5.89 -41.52 -22.41
C ASP D 87 5.82 -40.48 -21.26
N PHE D 88 5.29 -39.28 -21.53
CA PHE D 88 5.17 -38.26 -20.45
C PHE D 88 3.95 -38.54 -19.61
N VAL D 89 4.16 -38.88 -18.34
CA VAL D 89 3.07 -39.27 -17.45
C VAL D 89 2.75 -38.19 -16.42
N ARG D 90 3.52 -37.11 -16.38
CA ARG D 90 3.23 -36.05 -15.42
C ARG D 90 3.95 -34.76 -15.80
N PHE D 91 3.21 -33.66 -15.70
CA PHE D 91 3.77 -32.34 -15.85
C PHE D 91 3.20 -31.48 -14.71
N LYS D 92 4.02 -30.63 -14.10
CA LYS D 92 3.61 -29.80 -12.95
C LYS D 92 4.36 -28.47 -13.02
N ILE D 93 3.63 -27.38 -12.75
CA ILE D 93 4.19 -26.03 -12.82
C ILE D 93 3.93 -25.33 -11.48
N ARG D 94 5.00 -24.84 -10.86
CA ARG D 94 4.89 -24.27 -9.52
C ARG D 94 5.32 -22.79 -9.52
N ASP D 95 4.52 -21.90 -8.93
CA ASP D 95 5.03 -20.57 -8.53
C ASP D 95 6.06 -20.75 -7.41
N MET D 96 7.30 -20.34 -7.65
CA MET D 96 8.31 -20.49 -6.59
C MET D 96 8.15 -19.50 -5.43
N ASP D 97 7.50 -18.37 -5.70
CA ASP D 97 7.28 -17.37 -4.65
C ASP D 97 6.24 -17.85 -3.63
N SER D 98 5.01 -18.11 -4.08
CA SER D 98 3.92 -18.50 -3.20
C SER D 98 3.78 -20.01 -3.01
N GLY D 99 4.45 -20.81 -3.83
CA GLY D 99 4.32 -22.27 -3.76
C GLY D 99 3.03 -22.86 -4.32
N THR D 100 2.27 -22.03 -5.03
CA THR D 100 1.06 -22.48 -5.68
C THR D 100 1.41 -23.29 -6.93
N VAL D 101 0.76 -24.44 -7.06
CA VAL D 101 0.81 -25.26 -8.26
C VAL D 101 -0.11 -24.56 -9.23
N LEU D 102 0.43 -24.17 -10.37
CA LEU D 102 -0.31 -23.44 -11.39
C LEU D 102 -1.00 -24.37 -12.38
N PHE D 103 -0.47 -25.58 -12.47
CA PHE D 103 -1.01 -26.55 -13.39
C PHE D 103 -0.37 -27.91 -13.16
N GLU D 104 -1.20 -28.94 -13.24
CA GLU D 104 -0.75 -30.27 -13.12
C GLU D 104 -1.57 -31.23 -13.99
N ILE D 105 -0.87 -32.08 -14.70
CA ILE D 105 -1.54 -33.09 -15.51
C ILE D 105 -0.88 -34.44 -15.25
N LYS D 106 -1.67 -35.46 -14.96
CA LYS D 106 -1.12 -36.78 -14.68
C LYS D 106 -1.86 -37.89 -15.43
N LYS D 107 -1.17 -39.01 -15.61
CA LYS D 107 -1.55 -40.07 -16.54
C LYS D 107 -0.72 -41.28 -16.16
N PRO D 108 -1.34 -42.47 -16.07
CA PRO D 108 -0.48 -43.66 -15.86
C PRO D 108 0.28 -44.01 -17.16
N PRO D 109 1.37 -44.82 -17.09
CA PRO D 109 2.07 -45.53 -16.02
C PRO D 109 2.71 -44.63 -14.93
N ASN D 124 -0.30 -37.41 -38.88
CA ASN D 124 0.86 -37.53 -37.97
C ASN D 124 0.64 -36.84 -36.59
N ALA D 125 -0.58 -36.39 -36.32
CA ALA D 125 -0.92 -35.71 -35.08
C ALA D 125 -0.23 -36.34 -33.86
N GLY D 126 0.37 -35.51 -33.02
CA GLY D 126 0.95 -35.91 -31.74
C GLY D 126 0.17 -35.20 -30.63
N ARG D 127 0.80 -35.06 -29.46
CA ARG D 127 0.19 -34.48 -28.25
C ARG D 127 -0.10 -32.98 -28.35
N PHE D 128 -1.15 -32.53 -27.65
CA PHE D 128 -1.51 -31.14 -27.60
C PHE D 128 -2.08 -30.74 -26.22
N VAL D 129 -1.57 -29.63 -25.66
CA VAL D 129 -2.18 -29.04 -24.46
C VAL D 129 -2.59 -27.55 -24.65
N ARG D 130 -3.83 -27.23 -24.28
CA ARG D 130 -4.29 -25.83 -24.25
C ARG D 130 -4.30 -25.29 -22.81
N TYR D 131 -3.21 -24.66 -22.41
CA TYR D 131 -3.04 -24.16 -21.05
C TYR D 131 -3.97 -22.94 -20.67
N GLN D 132 -4.46 -22.91 -19.44
CA GLN D 132 -5.32 -21.83 -19.02
C GLN D 132 -4.62 -21.09 -17.90
N PHE D 133 -3.80 -20.10 -18.25
CA PHE D 133 -3.13 -19.32 -17.21
C PHE D 133 -3.83 -17.97 -16.95
N THR D 134 -3.37 -17.27 -15.90
CA THR D 134 -3.91 -15.96 -15.49
C THR D 134 -2.98 -14.84 -15.98
N PRO D 135 -3.44 -13.56 -15.93
CA PRO D 135 -2.55 -12.44 -16.23
C PRO D 135 -1.37 -12.33 -15.27
N ALA D 136 -1.56 -12.76 -14.02
CA ALA D 136 -0.46 -12.82 -13.07
C ALA D 136 0.69 -13.78 -13.48
N PHE D 137 0.36 -14.87 -14.18
CA PHE D 137 1.40 -15.78 -14.67
C PHE D 137 2.60 -15.05 -15.36
N LEU D 138 2.30 -14.07 -16.19
CA LEU D 138 3.31 -13.32 -16.95
C LEU D 138 4.13 -12.31 -16.15
N ARG D 139 3.96 -12.28 -14.84
CA ARG D 139 4.62 -11.30 -13.97
C ARG D 139 5.43 -12.00 -12.89
N LEU D 140 5.41 -13.33 -12.96
CA LEU D 140 6.02 -14.18 -11.95
C LEU D 140 7.52 -14.08 -12.07
N ARG D 141 8.18 -14.22 -10.93
CA ARG D 141 9.61 -14.05 -10.87
C ARG D 141 10.29 -15.40 -11.13
N GLN D 142 9.75 -16.47 -10.56
CA GLN D 142 10.38 -17.78 -10.65
C GLN D 142 9.37 -18.93 -10.69
N VAL D 143 9.53 -19.82 -11.66
CA VAL D 143 8.65 -21.00 -11.77
C VAL D 143 9.41 -22.32 -11.85
N GLY D 144 8.76 -23.38 -11.36
CA GLY D 144 9.33 -24.70 -11.39
C GLY D 144 8.49 -25.60 -12.28
N ALA D 145 9.10 -26.09 -13.36
CA ALA D 145 8.45 -27.04 -14.27
C ALA D 145 9.00 -28.47 -14.11
N THR D 146 8.18 -29.38 -13.58
CA THR D 146 8.57 -30.79 -13.45
C THR D 146 7.97 -31.68 -14.57
N VAL D 147 8.81 -32.52 -15.18
CA VAL D 147 8.32 -33.66 -15.99
C VAL D 147 8.73 -35.03 -15.39
N GLU D 148 7.84 -35.99 -15.52
CA GLU D 148 8.10 -37.40 -15.28
C GLU D 148 7.81 -38.12 -16.56
N PHE D 149 8.71 -39.01 -16.95
CA PHE D 149 8.40 -39.90 -18.07
C PHE D 149 9.02 -41.30 -17.88
N THR D 150 8.35 -42.31 -18.41
CA THR D 150 8.90 -43.64 -18.41
C THR D 150 9.41 -43.95 -19.81
N VAL D 151 10.32 -44.90 -19.87
CA VAL D 151 10.96 -45.27 -21.11
C VAL D 151 10.81 -46.79 -21.31
N GLY D 152 10.71 -47.19 -22.58
CA GLY D 152 10.65 -48.60 -22.93
C GLY D 152 11.91 -49.42 -22.69
N ASP D 153 11.94 -50.58 -23.37
CA ASP D 153 12.98 -51.64 -23.36
C ASP D 153 14.37 -51.27 -23.85
N LYS D 154 14.42 -50.44 -24.87
CA LYS D 154 15.70 -50.09 -25.49
C LYS D 154 16.33 -48.96 -24.70
N PRO D 155 17.67 -48.91 -24.65
CA PRO D 155 18.37 -47.72 -24.11
C PRO D 155 18.05 -46.47 -24.89
N VAL D 156 18.23 -45.30 -24.29
CA VAL D 156 17.94 -44.05 -24.98
C VAL D 156 19.13 -43.13 -24.80
N ASN D 157 19.94 -43.05 -25.83
CA ASN D 157 21.16 -42.25 -25.84
C ASN D 157 20.87 -40.84 -26.20
N ASN D 158 21.64 -39.93 -25.63
CA ASN D 158 21.50 -38.53 -26.00
C ASN D 158 20.06 -38.09 -26.13
N PHE D 159 19.35 -38.13 -25.02
CA PHE D 159 17.96 -37.68 -24.98
C PHE D 159 17.92 -36.16 -24.81
N ARG D 160 17.15 -35.49 -25.69
CA ARG D 160 17.32 -34.08 -25.85
C ARG D 160 16.04 -33.41 -26.22
N MET D 161 15.81 -32.25 -25.63
CA MET D 161 14.60 -31.51 -25.93
C MET D 161 14.92 -30.09 -26.40
N ILE D 162 14.25 -29.67 -27.47
CA ILE D 162 14.24 -28.25 -27.82
C ILE D 162 12.78 -27.73 -27.80
N GLU D 163 12.51 -26.66 -27.05
CA GLU D 163 11.15 -26.11 -26.91
C GLU D 163 11.12 -24.64 -27.33
N ARG D 164 10.25 -24.34 -28.30
CA ARG D 164 10.19 -22.97 -28.88
C ARG D 164 8.85 -22.35 -28.68
N HIS D 165 8.86 -21.12 -28.21
CA HIS D 165 7.64 -20.41 -27.77
C HIS D 165 7.42 -19.16 -28.61
N TYR D 166 6.22 -19.01 -29.14
CA TYR D 166 5.99 -17.98 -30.13
C TYR D 166 4.75 -17.28 -29.77
N PHE D 167 4.78 -15.97 -29.96
CA PHE D 167 3.59 -15.18 -29.89
C PHE D 167 3.45 -14.52 -31.23
N ARG D 168 2.30 -14.75 -31.88
CA ARG D 168 2.03 -14.23 -33.21
C ARG D 168 3.23 -14.41 -34.12
N ASN D 169 3.69 -15.66 -34.23
CA ASN D 169 4.77 -16.04 -35.15
C ASN D 169 6.04 -15.20 -34.96
N GLN D 170 6.33 -14.92 -33.70
CA GLN D 170 7.51 -14.19 -33.28
C GLN D 170 8.07 -14.91 -32.04
N LEU D 171 9.20 -15.60 -32.23
CA LEU D 171 9.89 -16.30 -31.14
C LEU D 171 9.98 -15.49 -29.82
N LEU D 172 9.63 -16.14 -28.71
CA LEU D 172 9.70 -15.56 -27.37
C LEU D 172 10.88 -16.16 -26.61
N LYS D 173 10.92 -17.48 -26.54
CA LYS D 173 11.95 -18.20 -25.80
C LYS D 173 12.25 -19.53 -26.50
N SER D 174 13.51 -19.95 -26.48
CA SER D 174 13.91 -21.27 -26.97
C SER D 174 14.67 -21.99 -25.85
N PHE D 175 14.27 -23.22 -25.47
CA PHE D 175 14.96 -23.99 -24.43
C PHE D 175 15.55 -25.21 -25.10
N ASP D 176 16.83 -25.47 -24.85
CA ASP D 176 17.52 -26.60 -25.48
C ASP D 176 18.18 -27.41 -24.36
N PHE D 177 17.59 -28.56 -24.06
CA PHE D 177 18.07 -29.31 -22.91
C PHE D 177 18.50 -30.70 -23.25
N HIS D 178 19.71 -31.04 -22.80
CA HIS D 178 20.32 -32.35 -22.98
C HIS D 178 20.07 -33.23 -21.75
N PHE D 179 19.09 -34.12 -21.81
CA PHE D 179 18.87 -35.03 -20.69
C PHE D 179 20.01 -36.04 -20.52
N GLY D 180 20.52 -36.57 -21.64
CA GLY D 180 21.53 -37.61 -21.62
C GLY D 180 20.93 -39.01 -21.74
N PHE D 181 21.60 -40.00 -21.16
CA PHE D 181 21.21 -41.40 -21.29
C PHE D 181 19.95 -41.65 -20.49
N CYS D 182 19.03 -42.43 -21.08
CA CYS D 182 17.88 -42.99 -20.37
C CYS D 182 18.00 -44.51 -20.28
N ILE D 183 17.95 -45.04 -19.06
CA ILE D 183 18.11 -46.46 -18.81
C ILE D 183 16.86 -47.22 -19.28
N PRO D 184 17.04 -48.38 -19.92
CA PRO D 184 15.84 -49.16 -20.31
C PRO D 184 14.86 -49.33 -19.14
N SER D 185 13.55 -49.26 -19.44
CA SER D 185 12.50 -49.48 -18.42
C SER D 185 12.48 -48.56 -17.20
N SER D 186 12.94 -47.33 -17.37
CA SER D 186 12.99 -46.42 -16.22
C SER D 186 11.84 -45.41 -16.07
N LYS D 187 11.69 -44.92 -14.85
CA LYS D 187 10.87 -43.76 -14.58
C LYS D 187 11.83 -42.61 -14.20
N ASN D 188 11.81 -41.55 -15.01
CA ASN D 188 12.72 -40.44 -14.80
C ASN D 188 12.02 -39.11 -14.50
N THR D 189 12.78 -38.21 -13.89
CA THR D 189 12.27 -36.89 -13.54
C THR D 189 13.21 -35.80 -14.02
N CYS D 190 12.62 -34.71 -14.47
CA CYS D 190 13.37 -33.50 -14.71
C CYS D 190 12.62 -32.29 -14.18
N GLU D 191 13.24 -31.58 -13.23
CA GLU D 191 12.70 -30.31 -12.73
C GLU D 191 13.57 -29.12 -13.15
N HIS D 192 12.94 -28.13 -13.76
CA HIS D 192 13.63 -26.89 -14.17
C HIS D 192 13.15 -25.72 -13.31
N ILE D 193 14.05 -25.11 -12.55
CA ILE D 193 13.68 -23.88 -11.83
C ILE D 193 14.23 -22.67 -12.59
N TYR D 194 13.35 -22.03 -13.34
CA TYR D 194 13.72 -21.03 -14.33
C TYR D 194 13.55 -19.60 -13.79
N LEU D 199 9.94 -9.04 -19.18
CA LEU D 199 8.86 -9.08 -20.18
C LEU D 199 8.19 -7.73 -20.37
N SER D 200 8.17 -7.21 -21.60
CA SER D 200 7.77 -5.84 -21.80
C SER D 200 6.27 -5.65 -21.61
N GLU D 201 5.90 -4.49 -21.08
CA GLU D 201 4.50 -4.10 -20.84
C GLU D 201 3.60 -4.19 -22.07
N GLU D 202 4.15 -3.94 -23.25
CA GLU D 202 3.32 -4.07 -24.46
C GLU D 202 3.13 -5.53 -24.83
N LEU D 203 4.12 -6.35 -24.52
CA LEU D 203 4.04 -7.77 -24.80
C LEU D 203 3.03 -8.43 -23.85
N ILE D 204 3.15 -8.16 -22.55
CA ILE D 204 2.19 -8.67 -21.56
C ILE D 204 0.76 -8.26 -21.92
N SER D 205 0.58 -6.99 -22.28
CA SER D 205 -0.74 -6.51 -22.64
C SER D 205 -1.33 -7.22 -23.86
N GLU D 206 -0.51 -7.48 -24.87
CA GLU D 206 -1.02 -8.09 -26.08
C GLU D 206 -1.30 -9.57 -25.86
N MET D 207 -0.49 -10.22 -25.04
CA MET D 207 -0.65 -11.63 -24.78
C MET D 207 -1.90 -11.93 -23.96
N ILE D 208 -2.22 -11.05 -23.00
CA ILE D 208 -3.50 -11.10 -22.30
C ILE D 208 -4.64 -10.82 -23.27
N ARG D 209 -4.45 -9.91 -24.22
CA ARG D 209 -5.55 -9.58 -25.12
C ARG D 209 -5.83 -10.72 -26.11
N HIS D 210 -4.78 -11.45 -26.49
CA HIS D 210 -4.92 -12.44 -27.57
C HIS D 210 -4.69 -13.92 -27.17
N PRO D 211 -5.68 -14.53 -26.47
CA PRO D 211 -5.48 -15.90 -25.99
C PRO D 211 -5.18 -16.84 -27.15
N TYR D 212 -4.44 -17.91 -26.87
CA TYR D 212 -4.10 -18.97 -27.85
C TYR D 212 -3.24 -18.55 -29.02
N GLU D 213 -2.74 -17.32 -28.99
CA GLU D 213 -1.77 -16.91 -30.01
C GLU D 213 -0.34 -17.04 -29.47
N THR D 214 -0.19 -17.27 -28.16
CA THR D 214 1.08 -17.80 -27.67
C THR D 214 1.06 -19.30 -27.90
N GLN D 215 2.01 -19.78 -28.70
CA GLN D 215 2.06 -21.18 -29.12
C GLN D 215 3.47 -21.74 -28.94
N SER D 216 3.59 -23.02 -28.59
CA SER D 216 4.89 -23.65 -28.42
C SER D 216 4.98 -24.99 -29.17
N ASP D 217 6.20 -25.34 -29.60
CA ASP D 217 6.48 -26.61 -30.24
C ASP D 217 7.51 -27.31 -29.38
N SER D 218 7.27 -28.54 -28.96
CA SER D 218 8.28 -29.22 -28.13
C SER D 218 8.87 -30.40 -28.90
N PHE D 219 10.16 -30.37 -29.16
CA PHE D 219 10.76 -31.40 -30.03
C PHE D 219 11.65 -32.26 -29.19
N TYR D 220 11.41 -33.58 -29.22
CA TYR D 220 12.31 -34.48 -28.49
C TYR D 220 13.09 -35.32 -29.46
N PHE D 221 14.41 -35.34 -29.27
CA PHE D 221 15.38 -36.03 -30.12
C PHE D 221 16.05 -37.17 -29.41
N VAL D 222 16.38 -38.21 -30.13
CA VAL D 222 17.17 -39.31 -29.56
C VAL D 222 18.34 -39.57 -30.47
N ASP D 223 19.55 -39.34 -29.98
CA ASP D 223 20.72 -39.46 -30.83
C ASP D 223 20.48 -38.61 -32.10
N ASP D 224 20.07 -37.36 -31.91
CA ASP D 224 19.79 -36.42 -33.03
C ASP D 224 18.59 -36.76 -33.95
N ARG D 225 17.77 -37.74 -33.58
CA ARG D 225 16.62 -38.10 -34.40
C ARG D 225 15.35 -37.67 -33.72
N LEU D 226 14.54 -36.86 -34.43
CA LEU D 226 13.22 -36.48 -33.93
C LEU D 226 12.37 -37.73 -33.69
N VAL D 227 11.92 -37.91 -32.45
CA VAL D 227 11.05 -39.00 -32.09
C VAL D 227 9.69 -38.52 -31.57
N MET D 228 9.56 -37.25 -31.19
CA MET D 228 8.32 -36.77 -30.60
C MET D 228 8.15 -35.26 -30.70
N HIS D 229 6.94 -34.85 -31.03
CA HIS D 229 6.66 -33.45 -31.24
C HIS D 229 5.33 -33.14 -30.57
N ASN D 230 5.39 -32.36 -29.51
CA ASN D 230 4.19 -31.94 -28.84
C ASN D 230 3.99 -30.47 -29.08
N LYS D 231 2.72 -30.07 -29.04
CA LYS D 231 2.28 -28.73 -29.35
C LYS D 231 1.45 -28.16 -28.21
N ALA D 232 1.42 -26.83 -28.10
CA ALA D 232 0.64 -26.20 -27.05
C ALA D 232 0.27 -24.77 -27.44
N ASP D 233 -0.86 -24.30 -26.90
CA ASP D 233 -1.17 -22.89 -26.90
C ASP D 233 -1.57 -22.47 -25.51
N TYR D 234 -1.60 -21.16 -25.30
CA TYR D 234 -1.65 -20.54 -23.95
C TYR D 234 -2.62 -19.37 -23.87
N SER D 235 -3.35 -19.33 -22.75
CA SER D 235 -4.25 -18.25 -22.44
C SER D 235 -3.80 -17.61 -21.16
N TYR D 236 -3.85 -16.27 -21.11
CA TYR D 236 -3.57 -15.50 -19.94
C TYR D 236 -4.71 -14.51 -19.60
N SER D 237 -5.97 -14.79 -20.01
CA SER D 237 -7.12 -13.89 -19.75
C SER D 237 -7.32 -13.72 -18.27
#